data_6N8H
#
_entry.id   6N8H
#
_entity_poly.entity_id   1
_entity_poly.type   'polyribonucleotide'
_entity_poly.pdbx_seq_one_letter_code
;CGGGCAUCCG
;
_entity_poly.pdbx_strand_id   A,B
#